data_5R1T
#
_entry.id   5R1T
#
_cell.length_a   45.157
_cell.length_b   73.595
_cell.length_c   52.480
_cell.angle_alpha   90.000
_cell.angle_beta   109.030
_cell.angle_gamma   90.000
#
_symmetry.space_group_name_H-M   'P 1 21 1'
#
loop_
_entity.id
_entity.type
_entity.pdbx_description
1 polymer Endothiapepsin
2 non-polymer (2-aminopyridin-3-yl)methanol
3 water water
#
_entity_poly.entity_id   1
_entity_poly.type   'polypeptide(L)'
_entity_poly.pdbx_seq_one_letter_code
;MSSPLKNALVTAMLAGGALSSPTKQHVGIPVNASPEVGPGKYSFKQVRNPNYKFNGPLSVKKTYLKYGVPIPAWLEDAVQ
NSTSGLAERSTGSATTTPIDSLDDAYITPVQIGTPAQTLNLDFDTGSSDLWVFSSETTASEVDGQTIYTPSKSTTAKLLS
GATWSISYGDGSSSSGDVYTDTVSVGGLTVTGQAVESAKKVSSSFTEDSTIDGLLGLAFSTLNTVSPTQQKTFFDNAKAS
LDSPVFTADLGYHAPGTYNFGFIDTTAYTGSITYTAVSTKQGFWEWTSTGYAVGSGTFKSTSIDGIADTGTTLLYLPATV
VSAYWAQVSGAKSSSSVGGYVFPCSATLPSFTFGVGSARIVIPGDYIDFGPISTGSSSCFGGIQSSAGIGINIFGDVALK
AAFVVFNGATTPTLGFASK
;
_entity_poly.pdbx_strand_id   A
#
loop_
_chem_comp.id
_chem_comp.type
_chem_comp.name
_chem_comp.formula
R8A non-polymer (2-aminopyridin-3-yl)methanol 'C6 H8 N2 O'
#
# COMPACT_ATOMS: atom_id res chain seq x y z
N SER A 90 16.71 -10.30 -14.35
CA SER A 90 16.26 -8.91 -14.60
C SER A 90 15.94 -8.20 -13.30
N THR A 91 15.86 -6.88 -13.37
CA THR A 91 15.44 -6.03 -12.27
C THR A 91 14.61 -4.87 -12.81
N GLY A 92 13.89 -4.21 -11.90
CA GLY A 92 13.25 -2.94 -12.21
C GLY A 92 13.38 -2.00 -11.03
N SER A 93 13.30 -0.70 -11.33
CA SER A 93 13.38 0.30 -10.27
C SER A 93 12.58 1.51 -10.72
N ALA A 94 11.62 1.94 -9.89
CA ALA A 94 10.76 3.05 -10.26
C ALA A 94 10.54 3.94 -9.04
N THR A 95 10.50 5.24 -9.28
CA THR A 95 10.21 6.20 -8.24
C THR A 95 8.72 6.25 -7.96
N THR A 96 8.37 6.32 -6.68
CA THR A 96 6.99 6.46 -6.25
C THR A 96 6.84 7.80 -5.55
N THR A 97 5.75 8.51 -5.82
CA THR A 97 5.61 9.90 -5.45
C THR A 97 4.30 10.11 -4.69
N PRO A 98 4.30 10.80 -3.54
CA PRO A 98 3.05 11.06 -2.85
CA PRO A 98 3.05 11.07 -2.85
C PRO A 98 2.08 11.86 -3.72
N ILE A 99 0.80 11.54 -3.63
CA ILE A 99 -0.19 12.22 -4.45
C ILE A 99 -0.55 13.60 -3.92
N ASP A 100 -0.24 13.89 -2.66
CA ASP A 100 -0.62 15.14 -2.04
C ASP A 100 0.31 15.39 -0.85
N SER A 101 0.09 16.52 -0.17
CA SER A 101 0.99 16.96 0.89
C SER A 101 0.90 16.13 2.16
N LEU A 102 -0.09 15.23 2.26
CA LEU A 102 -0.26 14.39 3.43
C LEU A 102 0.25 12.97 3.23
N ASP A 103 0.79 12.65 2.06
CA ASP A 103 1.15 11.26 1.74
C ASP A 103 -0.06 10.34 1.82
N ASP A 104 -1.20 10.78 1.29
CA ASP A 104 -2.40 9.96 1.38
C ASP A 104 -2.26 8.67 0.59
N ALA A 105 -1.46 8.70 -0.46
CA ALA A 105 -1.19 7.55 -1.29
C ALA A 105 0.02 7.92 -2.14
N TYR A 106 0.55 6.92 -2.84
CA TYR A 106 1.74 7.09 -3.67
C TYR A 106 1.44 6.54 -5.06
N ILE A 107 1.93 7.23 -6.09
CA ILE A 107 1.75 6.79 -7.48
C ILE A 107 3.11 6.52 -8.11
N THR A 108 3.12 5.51 -8.97
CA THR A 108 4.33 5.05 -9.64
C THR A 108 4.00 4.92 -11.12
N PRO A 109 4.83 5.46 -12.01
CA PRO A 109 4.52 5.37 -13.45
C PRO A 109 4.71 3.95 -13.95
N VAL A 110 3.78 3.50 -14.80
CA VAL A 110 3.79 2.16 -15.35
C VAL A 110 3.49 2.27 -16.83
N GLN A 111 4.31 1.61 -17.65
CA GLN A 111 4.13 1.60 -19.09
C GLN A 111 3.27 0.40 -19.50
N ILE A 112 2.18 0.67 -20.23
CA ILE A 112 1.26 -0.38 -20.65
C ILE A 112 1.07 -0.31 -22.15
N GLY A 113 1.26 -1.44 -22.83
CA GLY A 113 0.94 -1.51 -24.24
C GLY A 113 2.05 -1.08 -25.16
N THR A 114 1.74 -1.13 -26.46
CA THR A 114 2.71 -0.80 -27.52
C THR A 114 2.00 0.06 -28.57
N PRO A 115 2.45 1.31 -28.79
CA PRO A 115 3.47 2.02 -28.02
C PRO A 115 3.01 2.20 -26.58
N ALA A 116 3.96 2.50 -25.71
CA ALA A 116 3.67 2.57 -24.29
C ALA A 116 2.63 3.65 -24.03
N GLN A 117 1.69 3.33 -23.14
CA GLN A 117 0.81 4.29 -22.50
C GLN A 117 1.21 4.32 -21.04
N THR A 118 1.68 5.48 -20.56
CA THR A 118 2.16 5.58 -19.19
C THR A 118 1.03 6.06 -18.30
N LEU A 119 0.69 5.24 -17.30
CA LEU A 119 -0.33 5.54 -16.30
C LEU A 119 0.33 5.51 -14.93
N ASN A 120 -0.17 6.34 -14.03
CA ASN A 120 0.39 6.44 -12.69
C ASN A 120 -0.48 5.61 -11.76
N LEU A 121 0.06 4.49 -11.30
CA LEU A 121 -0.72 3.52 -10.55
C LEU A 121 -0.33 3.52 -9.07
N ASP A 122 -1.23 2.99 -8.30
CA ASP A 122 -1.09 3.15 -6.83
C ASP A 122 -0.70 1.68 -6.50
N PHE A 123 0.57 1.34 -6.25
CA PHE A 123 1.09 0.00 -5.92
C PHE A 123 0.55 -0.43 -4.55
N ASP A 124 -0.07 -1.57 -4.58
CA ASP A 124 -1.00 -1.92 -3.54
C ASP A 124 -0.62 -3.25 -2.96
N THR A 125 0.03 -3.28 -1.77
CA THR A 125 0.39 -4.55 -1.07
C THR A 125 -0.88 -5.23 -0.52
N GLY A 126 -2.04 -4.54 -0.44
CA GLY A 126 -3.33 -5.09 0.00
C GLY A 126 -4.27 -5.66 -1.06
N SER A 127 -3.95 -5.86 -2.34
CA SER A 127 -4.85 -6.44 -3.40
C SER A 127 -4.04 -7.11 -4.50
N SER A 128 -4.64 -7.92 -5.37
CA SER A 128 -3.98 -8.76 -6.40
C SER A 128 -4.47 -8.52 -7.83
N ASP A 129 -5.07 -7.34 -8.04
CA ASP A 129 -5.58 -6.91 -9.37
C ASP A 129 -4.83 -5.67 -9.85
N LEU A 130 -4.44 -5.72 -11.06
CA LEU A 130 -3.89 -4.57 -11.77
C LEU A 130 -5.02 -4.05 -12.65
N TRP A 131 -5.61 -2.93 -12.23
CA TRP A 131 -6.73 -2.37 -12.96
C TRP A 131 -6.47 -0.91 -13.27
N VAL A 132 -7.04 -0.45 -14.38
CA VAL A 132 -6.79 0.90 -14.89
C VAL A 132 -8.07 1.58 -15.35
N PHE A 133 -8.11 2.89 -15.18
CA PHE A 133 -9.04 3.72 -15.93
C PHE A 133 -8.76 3.50 -17.40
N SER A 134 -9.82 3.52 -18.21
CA SER A 134 -9.65 3.12 -19.59
C SER A 134 -10.66 3.83 -20.47
N SER A 135 -10.51 3.62 -21.78
CA SER A 135 -11.48 4.07 -22.76
C SER A 135 -12.84 3.42 -22.58
N GLU A 136 -12.93 2.37 -21.77
CA GLU A 136 -14.19 1.72 -21.46
C GLU A 136 -14.86 2.25 -20.20
N THR A 137 -14.18 3.07 -19.42
CA THR A 137 -14.75 3.55 -18.15
C THR A 137 -15.89 4.51 -18.43
N THR A 138 -17.03 4.31 -17.77
CA THR A 138 -18.16 5.22 -17.84
C THR A 138 -17.68 6.66 -17.79
N ALA A 139 -18.07 7.45 -18.80
CA ALA A 139 -17.44 8.76 -18.98
C ALA A 139 -17.66 9.65 -17.76
N SER A 140 -18.85 9.60 -17.16
CA SER A 140 -19.14 10.42 -15.99
C SER A 140 -18.30 10.05 -14.78
N GLU A 141 -17.63 8.90 -14.81
CA GLU A 141 -16.81 8.44 -13.70
C GLU A 141 -15.33 8.71 -13.91
N VAL A 142 -14.96 9.36 -15.01
CA VAL A 142 -13.59 9.76 -15.27
C VAL A 142 -13.52 11.27 -15.09
N ASP A 143 -12.56 11.73 -14.26
CA ASP A 143 -12.41 13.16 -13.98
C ASP A 143 -10.91 13.47 -13.85
N GLY A 144 -10.22 13.52 -14.98
CA GLY A 144 -8.83 13.94 -15.03
C GLY A 144 -7.81 12.82 -15.07
N GLN A 145 -8.22 11.57 -14.87
CA GLN A 145 -7.27 10.48 -14.92
C GLN A 145 -6.80 10.24 -16.34
N THR A 146 -5.60 9.68 -16.46
CA THR A 146 -5.11 9.20 -17.74
C THR A 146 -5.67 7.80 -17.95
N ILE A 147 -6.14 7.53 -19.17
CA ILE A 147 -6.82 6.28 -19.47
C ILE A 147 -5.96 5.42 -20.38
N TYR A 148 -6.11 4.10 -20.20
CA TYR A 148 -5.56 3.10 -21.10
C TYR A 148 -6.57 2.85 -22.21
N THR A 149 -6.12 2.90 -23.46
CA THR A 149 -6.98 2.64 -24.61
C THR A 149 -6.45 1.40 -25.30
N PRO A 150 -7.02 0.22 -25.04
CA PRO A 150 -6.42 -0.99 -25.61
C PRO A 150 -6.43 -1.00 -27.13
N SER A 151 -7.39 -0.34 -27.76
CA SER A 151 -7.45 -0.35 -29.22
C SER A 151 -6.25 0.34 -29.87
N LYS A 152 -5.51 1.13 -29.10
CA LYS A 152 -4.33 1.81 -29.60
C LYS A 152 -3.05 1.04 -29.31
N SER A 153 -3.14 -0.10 -28.65
CA SER A 153 -1.99 -0.92 -28.31
C SER A 153 -1.97 -2.13 -29.24
N THR A 154 -0.87 -2.28 -29.99
CA THR A 154 -0.79 -3.39 -30.94
C THR A 154 -0.56 -4.73 -30.24
N THR A 155 -0.25 -4.72 -28.95
CA THR A 155 -0.02 -5.94 -28.18
C THR A 155 -1.20 -6.29 -27.27
N ALA A 156 -2.23 -5.46 -27.21
CA ALA A 156 -3.39 -5.77 -26.38
C ALA A 156 -4.23 -6.86 -27.01
N LYS A 157 -4.74 -7.76 -26.17
CA LYS A 157 -5.67 -8.79 -26.61
CA LYS A 157 -5.65 -8.81 -26.60
C LYS A 157 -6.75 -8.95 -25.55
N LEU A 158 -8.00 -8.92 -25.97
CA LEU A 158 -9.11 -9.15 -25.06
C LEU A 158 -8.98 -10.56 -24.49
N LEU A 159 -9.09 -10.68 -23.18
CA LEU A 159 -9.13 -11.98 -22.53
C LEU A 159 -10.60 -12.39 -22.54
N SER A 160 -10.93 -13.29 -23.47
CA SER A 160 -12.33 -13.52 -23.77
CA SER A 160 -12.32 -13.54 -23.79
C SER A 160 -13.09 -14.10 -22.59
N GLY A 161 -14.20 -13.45 -22.27
CA GLY A 161 -15.09 -13.90 -21.22
C GLY A 161 -14.70 -13.49 -19.83
N ALA A 162 -13.55 -12.87 -19.65
CA ALA A 162 -13.06 -12.57 -18.32
C ALA A 162 -13.63 -11.25 -17.82
N THR A 163 -14.08 -11.25 -16.58
CA THR A 163 -14.56 -10.05 -15.91
C THR A 163 -13.92 -9.98 -14.54
N TRP A 164 -13.99 -8.79 -13.95
CA TRP A 164 -13.44 -8.61 -12.61
C TRP A 164 -14.32 -7.63 -11.85
N SER A 165 -14.29 -7.77 -10.53
CA SER A 165 -15.07 -6.89 -9.68
C SER A 165 -14.44 -6.97 -8.30
N ILE A 166 -14.07 -5.84 -7.83
CA ILE A 166 -13.35 -5.92 -6.56
C ILE A 166 -14.02 -4.97 -5.61
N SER A 167 -14.16 -5.35 -4.35
CA SER A 167 -14.68 -4.50 -3.27
C SER A 167 -13.53 -4.47 -2.25
N TYR A 168 -13.03 -3.29 -1.94
CA TYR A 168 -11.89 -3.08 -1.05
C TYR A 168 -12.37 -2.91 0.38
N GLY A 169 -11.45 -3.04 1.34
CA GLY A 169 -11.76 -2.90 2.77
C GLY A 169 -12.31 -1.52 3.16
N ASP A 170 -12.03 -0.46 2.43
CA ASP A 170 -12.58 0.86 2.78
C ASP A 170 -13.92 1.14 2.09
N GLY A 171 -14.54 0.21 1.37
CA GLY A 171 -15.86 0.44 0.74
C GLY A 171 -15.77 0.94 -0.68
N SER A 172 -14.58 1.15 -1.21
CA SER A 172 -14.40 1.57 -2.61
C SER A 172 -14.51 0.33 -3.49
N SER A 173 -14.82 0.52 -4.76
CA SER A 173 -14.98 -0.62 -5.68
C SER A 173 -14.78 -0.22 -7.13
N SER A 174 -14.52 -1.19 -7.96
CA SER A 174 -14.38 -1.01 -9.41
C SER A 174 -14.61 -2.36 -10.05
N SER A 175 -14.94 -2.38 -11.34
CA SER A 175 -15.21 -3.61 -12.06
C SER A 175 -15.06 -3.36 -13.56
N GLY A 176 -14.88 -4.45 -14.31
CA GLY A 176 -14.81 -4.32 -15.75
C GLY A 176 -14.46 -5.62 -16.44
N ASP A 177 -13.79 -5.48 -17.58
CA ASP A 177 -13.31 -6.62 -18.37
C ASP A 177 -11.78 -6.61 -18.38
N VAL A 178 -11.18 -7.48 -19.19
CA VAL A 178 -9.77 -7.81 -19.03
C VAL A 178 -9.10 -7.92 -20.39
N TYR A 179 -7.94 -7.31 -20.51
CA TYR A 179 -7.03 -7.47 -21.62
C TYR A 179 -5.74 -8.08 -21.10
N THR A 180 -4.98 -8.73 -21.99
CA THR A 180 -3.57 -8.99 -21.72
C THR A 180 -2.75 -8.02 -22.55
N ASP A 181 -1.63 -7.56 -22.00
CA ASP A 181 -0.78 -6.62 -22.70
C ASP A 181 0.58 -6.63 -22.02
N THR A 182 1.52 -5.95 -22.65
CA THR A 182 2.86 -5.79 -22.10
C THR A 182 2.85 -4.66 -21.06
N VAL A 183 3.42 -4.94 -19.89
CA VAL A 183 3.45 -3.98 -18.79
C VAL A 183 4.89 -3.89 -18.32
N SER A 184 5.39 -2.67 -18.19
CA SER A 184 6.77 -2.46 -17.74
C SER A 184 6.76 -1.49 -16.56
N VAL A 185 7.56 -1.82 -15.55
CA VAL A 185 7.74 -0.99 -14.37
C VAL A 185 9.23 -0.75 -14.19
N GLY A 186 9.65 0.50 -14.32
CA GLY A 186 11.04 0.79 -14.00
C GLY A 186 12.03 -0.02 -14.78
N GLY A 187 11.72 -0.38 -16.04
CA GLY A 187 12.62 -1.14 -16.87
C GLY A 187 12.39 -2.64 -16.87
N LEU A 188 11.55 -3.14 -15.97
CA LEU A 188 11.21 -4.56 -15.89
C LEU A 188 9.93 -4.79 -16.67
N THR A 189 9.98 -5.70 -17.65
CA THR A 189 8.86 -5.91 -18.56
C THR A 189 8.24 -7.28 -18.38
N VAL A 190 6.92 -7.32 -18.30
CA VAL A 190 6.15 -8.56 -18.31
C VAL A 190 5.28 -8.57 -19.56
N THR A 191 5.36 -9.64 -20.33
CA THR A 191 4.42 -9.81 -21.45
C THR A 191 3.24 -10.66 -21.00
N GLY A 192 2.09 -10.41 -21.61
CA GLY A 192 0.89 -11.16 -21.27
C GLY A 192 0.32 -10.89 -19.90
N GLN A 193 0.60 -9.73 -19.33
CA GLN A 193 0.02 -9.35 -18.04
C GLN A 193 -1.47 -9.06 -18.20
N ALA A 194 -2.27 -9.58 -17.28
CA ALA A 194 -3.68 -9.21 -17.22
C ALA A 194 -3.80 -7.76 -16.76
N VAL A 195 -4.39 -6.95 -17.64
CA VAL A 195 -4.67 -5.54 -17.39
C VAL A 195 -6.19 -5.43 -17.32
N GLU A 196 -6.71 -5.16 -16.13
CA GLU A 196 -8.13 -5.14 -15.89
C GLU A 196 -8.67 -3.75 -16.18
N SER A 197 -9.50 -3.65 -17.19
CA SER A 197 -10.00 -2.38 -17.68
C SER A 197 -11.29 -2.03 -16.98
N ALA A 198 -11.31 -0.90 -16.29
CA ALA A 198 -12.51 -0.54 -15.55
C ALA A 198 -13.62 -0.07 -16.47
N LYS A 199 -14.79 -0.68 -16.32
CA LYS A 199 -16.02 -0.11 -16.86
C LYS A 199 -16.71 0.78 -15.84
N LYS A 200 -16.59 0.48 -14.56
CA LYS A 200 -17.19 1.26 -13.50
C LYS A 200 -16.17 1.42 -12.38
N VAL A 201 -16.15 2.61 -11.77
CA VAL A 201 -15.37 2.85 -10.56
C VAL A 201 -16.25 3.61 -9.59
N SER A 202 -16.00 3.43 -8.29
CA SER A 202 -16.76 4.16 -7.29
C SER A 202 -16.24 5.60 -7.15
N SER A 203 -17.01 6.40 -6.42
CA SER A 203 -16.81 7.84 -6.39
C SER A 203 -15.42 8.22 -5.90
N SER A 204 -14.87 7.49 -4.92
CA SER A 204 -13.58 7.91 -4.39
C SER A 204 -12.48 7.79 -5.43
N PHE A 205 -12.56 6.81 -6.36
CA PHE A 205 -11.63 6.57 -7.51
C PHE A 205 -11.82 7.69 -8.55
N THR A 206 -13.07 8.16 -8.80
CA THR A 206 -13.32 9.30 -9.70
C THR A 206 -12.74 10.57 -9.12
N GLU A 207 -12.87 10.76 -7.82
CA GLU A 207 -12.46 11.99 -7.16
C GLU A 207 -10.94 12.11 -6.98
N ASP A 208 -10.19 11.03 -7.19
CA ASP A 208 -8.72 11.05 -7.09
C ASP A 208 -8.20 11.17 -8.52
N SER A 209 -8.04 12.41 -9.02
CA SER A 209 -7.57 12.59 -10.40
C SER A 209 -6.14 12.13 -10.60
N THR A 210 -5.38 11.93 -9.52
CA THR A 210 -3.96 11.60 -9.61
C THR A 210 -3.69 10.11 -9.75
N ILE A 211 -4.70 9.27 -9.52
CA ILE A 211 -4.50 7.82 -9.47
C ILE A 211 -5.22 7.23 -10.68
N ASP A 212 -4.47 6.66 -11.61
CA ASP A 212 -5.01 6.12 -12.86
C ASP A 212 -5.36 4.64 -12.75
N GLY A 213 -5.15 4.05 -11.59
CA GLY A 213 -5.44 2.65 -11.35
C GLY A 213 -4.58 2.12 -10.23
N LEU A 214 -4.66 0.81 -10.06
CA LEU A 214 -3.96 0.25 -8.90
C LEU A 214 -3.23 -0.98 -9.50
N LEU A 215 -2.05 -1.30 -8.92
CA LEU A 215 -1.21 -2.45 -9.27
C LEU A 215 -1.05 -3.30 -8.03
N GLY A 216 -1.79 -4.42 -7.97
CA GLY A 216 -1.79 -5.23 -6.78
C GLY A 216 -0.53 -6.06 -6.64
N LEU A 217 -0.07 -6.17 -5.39
CA LEU A 217 1.17 -6.86 -5.04
C LEU A 217 0.97 -7.84 -3.88
N ALA A 218 -0.28 -8.13 -3.51
CA ALA A 218 -0.55 -9.22 -2.59
C ALA A 218 -0.48 -10.53 -3.37
N PHE A 219 -0.94 -11.62 -2.76
CA PHE A 219 -0.77 -12.92 -3.39
C PHE A 219 -1.88 -13.15 -4.41
N SER A 220 -1.54 -13.89 -5.47
CA SER A 220 -2.44 -13.98 -6.62
C SER A 220 -3.73 -14.71 -6.27
N THR A 221 -3.76 -15.46 -5.16
CA THR A 221 -5.00 -16.07 -4.70
C THR A 221 -6.12 -15.07 -4.45
N LEU A 222 -5.81 -13.78 -4.26
CA LEU A 222 -6.85 -12.77 -4.09
C LEU A 222 -7.31 -12.13 -5.39
N ASN A 223 -6.72 -12.48 -6.52
CA ASN A 223 -7.11 -11.81 -7.75
C ASN A 223 -8.57 -12.12 -8.07
N THR A 224 -9.31 -11.11 -8.53
CA THR A 224 -10.76 -11.25 -8.68
C THR A 224 -11.21 -11.64 -10.07
N VAL A 225 -10.30 -11.83 -11.03
CA VAL A 225 -10.73 -12.14 -12.39
C VAL A 225 -11.45 -13.48 -12.42
N SER A 226 -12.57 -13.51 -13.11
CA SER A 226 -13.41 -14.69 -13.27
C SER A 226 -13.69 -14.90 -14.74
N PRO A 227 -13.76 -16.16 -15.21
CA PRO A 227 -13.70 -17.42 -14.47
C PRO A 227 -12.31 -17.96 -14.25
N THR A 228 -11.27 -17.30 -14.79
CA THR A 228 -9.89 -17.75 -14.69
C THR A 228 -9.10 -16.69 -13.95
N GLN A 229 -8.74 -16.99 -12.71
CA GLN A 229 -7.97 -16.06 -11.91
C GLN A 229 -6.62 -15.76 -12.57
N GLN A 230 -6.18 -14.52 -12.45
CA GLN A 230 -4.97 -14.07 -13.12
C GLN A 230 -3.87 -13.75 -12.11
N LYS A 231 -2.63 -13.76 -12.59
CA LYS A 231 -1.46 -13.53 -11.73
C LYS A 231 -1.11 -12.05 -11.63
N THR A 232 -0.56 -11.67 -10.48
CA THR A 232 -0.05 -10.31 -10.33
C THR A 232 1.19 -10.09 -11.19
N PHE A 233 1.50 -8.80 -11.38
CA PHE A 233 2.72 -8.41 -12.07
C PHE A 233 3.94 -9.05 -11.44
N PHE A 234 4.03 -9.04 -10.12
CA PHE A 234 5.17 -9.64 -9.43
C PHE A 234 5.22 -11.15 -9.67
N ASP A 235 4.08 -11.82 -9.58
CA ASP A 235 4.07 -13.26 -9.82
C ASP A 235 4.53 -13.58 -11.23
N ASN A 236 4.09 -12.79 -12.22
CA ASN A 236 4.51 -13.04 -13.59
C ASN A 236 6.00 -12.75 -13.78
N ALA A 237 6.54 -11.74 -13.09
CA ALA A 237 7.93 -11.36 -13.28
C ALA A 237 8.91 -12.23 -12.50
N LYS A 238 8.45 -12.95 -11.47
N LYS A 238 8.41 -12.95 -11.49
CA LYS A 238 9.38 -13.43 -10.44
CA LYS A 238 9.25 -13.54 -10.44
C LYS A 238 10.40 -14.45 -10.97
C LYS A 238 10.37 -14.39 -11.02
N ALA A 239 10.01 -15.30 -11.92
CA ALA A 239 10.99 -16.25 -12.44
C ALA A 239 12.13 -15.55 -13.17
N SER A 240 11.87 -14.39 -13.76
CA SER A 240 12.88 -13.66 -14.52
C SER A 240 13.74 -12.78 -13.63
N LEU A 241 13.30 -12.50 -12.42
CA LEU A 241 14.03 -11.59 -11.56
C LEU A 241 15.31 -12.22 -11.03
N ASP A 242 16.31 -11.37 -10.81
CA ASP A 242 17.57 -11.83 -10.23
C ASP A 242 17.33 -12.52 -8.89
N SER A 243 16.42 -11.99 -8.09
CA SER A 243 16.03 -12.55 -6.80
CA SER A 243 16.02 -12.55 -6.80
C SER A 243 14.52 -12.33 -6.70
N PRO A 244 13.76 -13.27 -6.13
CA PRO A 244 12.29 -13.16 -6.20
C PRO A 244 11.72 -12.27 -5.10
N VAL A 245 12.04 -10.98 -5.20
CA VAL A 245 11.74 -10.01 -4.17
C VAL A 245 11.30 -8.69 -4.80
N PHE A 246 10.57 -7.90 -4.03
CA PHE A 246 10.44 -6.48 -4.34
C PHE A 246 10.57 -5.72 -3.03
N THR A 247 10.95 -4.45 -3.12
CA THR A 247 11.10 -3.64 -1.92
C THR A 247 10.32 -2.34 -2.06
N ALA A 248 9.80 -1.88 -0.92
CA ALA A 248 9.07 -0.63 -0.81
C ALA A 248 9.86 0.30 0.08
N ASP A 249 10.21 1.47 -0.46
CA ASP A 249 10.96 2.50 0.25
C ASP A 249 10.17 3.80 0.07
N LEU A 250 9.12 3.95 0.87
CA LEU A 250 8.20 5.07 0.73
C LEU A 250 8.78 6.27 1.46
N GLY A 251 8.64 7.45 0.85
CA GLY A 251 9.14 8.66 1.45
C GLY A 251 8.14 9.35 2.35
N TYR A 252 8.65 10.09 3.32
CA TYR A 252 7.85 10.99 4.13
C TYR A 252 7.88 12.36 3.44
N HIS A 253 6.74 12.76 2.91
CA HIS A 253 6.63 14.04 2.22
C HIS A 253 7.69 14.15 1.14
N ALA A 254 7.97 13.06 0.45
CA ALA A 254 9.06 13.01 -0.51
C ALA A 254 8.89 11.78 -1.37
N PRO A 255 9.47 11.76 -2.55
CA PRO A 255 9.47 10.54 -3.36
C PRO A 255 10.27 9.42 -2.72
N GLY A 256 9.97 8.21 -3.17
CA GLY A 256 10.62 7.00 -2.72
C GLY A 256 10.77 6.07 -3.89
N THR A 257 10.96 4.78 -3.63
CA THR A 257 11.33 3.83 -4.67
C THR A 257 10.67 2.49 -4.43
N TYR A 258 10.20 1.87 -5.52
CA TYR A 258 9.87 0.44 -5.55
C TYR A 258 10.93 -0.23 -6.43
N ASN A 259 11.62 -1.23 -5.89
CA ASN A 259 12.56 -2.03 -6.65
C ASN A 259 12.07 -3.46 -6.77
N PHE A 260 12.37 -4.08 -7.92
CA PHE A 260 12.01 -5.46 -8.20
C PHE A 260 13.27 -6.23 -8.54
N GLY A 261 13.48 -7.34 -7.84
CA GLY A 261 14.53 -8.27 -8.18
C GLY A 261 15.86 -8.07 -7.48
N PHE A 262 15.99 -7.04 -6.64
CA PHE A 262 17.26 -6.84 -5.93
C PHE A 262 17.02 -6.00 -4.70
N ILE A 263 17.95 -6.06 -3.77
N ILE A 263 17.93 -6.13 -3.75
CA ILE A 263 17.88 -5.31 -2.53
CA ILE A 263 17.99 -5.34 -2.54
C ILE A 263 19.01 -4.28 -2.54
C ILE A 263 19.04 -4.25 -2.76
N ASP A 264 18.64 -2.99 -2.59
CA ASP A 264 19.59 -1.88 -2.67
C ASP A 264 20.17 -1.70 -1.27
N THR A 265 21.40 -2.18 -1.07
CA THR A 265 22.00 -2.16 0.26
C THR A 265 22.43 -0.76 0.68
N THR A 266 22.33 0.23 -0.21
CA THR A 266 22.59 1.61 0.16
C THR A 266 21.35 2.35 0.63
N ALA A 267 20.17 1.70 0.59
CA ALA A 267 18.91 2.38 0.84
C ALA A 267 18.45 2.29 2.28
N TYR A 268 19.21 1.62 3.15
CA TYR A 268 18.80 1.45 4.53
C TYR A 268 20.04 1.47 5.42
N THR A 269 19.80 1.65 6.72
CA THR A 269 20.84 1.62 7.73
C THR A 269 20.73 0.32 8.51
N GLY A 270 21.84 -0.10 9.12
CA GLY A 270 21.84 -1.31 9.93
C GLY A 270 21.56 -2.53 9.08
N SER A 271 20.87 -3.51 9.67
N SER A 271 20.87 -3.50 9.67
CA SER A 271 20.56 -4.75 8.98
CA SER A 271 20.55 -4.76 9.02
C SER A 271 19.05 -4.86 8.78
C SER A 271 19.05 -4.88 8.79
N ILE A 272 18.68 -5.78 7.89
CA ILE A 272 17.28 -6.08 7.63
C ILE A 272 16.89 -7.25 8.54
N THR A 273 15.82 -7.09 9.30
CA THR A 273 15.31 -8.18 10.11
C THR A 273 14.13 -8.81 9.39
N TYR A 274 14.24 -10.10 9.10
CA TYR A 274 13.18 -10.82 8.44
C TYR A 274 12.28 -11.52 9.44
N THR A 275 11.02 -11.65 9.06
CA THR A 275 9.98 -12.19 9.92
C THR A 275 9.04 -13.04 9.08
N ALA A 276 8.44 -14.04 9.71
CA ALA A 276 7.60 -15.00 9.00
C ALA A 276 6.31 -14.37 8.47
N VAL A 277 5.84 -14.89 7.36
CA VAL A 277 4.62 -14.45 6.71
C VAL A 277 3.65 -15.61 6.64
N SER A 278 2.39 -15.35 6.91
CA SER A 278 1.30 -16.25 6.57
C SER A 278 0.59 -15.76 5.32
N THR A 279 0.43 -16.65 4.34
CA THR A 279 -0.30 -16.32 3.12
C THR A 279 -1.74 -16.83 3.15
N LYS A 280 -2.21 -17.30 4.31
CA LYS A 280 -3.50 -17.99 4.38
C LYS A 280 -4.68 -17.09 4.02
N GLN A 281 -4.56 -15.79 4.22
CA GLN A 281 -5.58 -14.85 3.81
C GLN A 281 -5.24 -14.11 2.53
N GLY A 282 -4.12 -14.47 1.87
CA GLY A 282 -3.70 -13.84 0.64
C GLY A 282 -2.91 -12.57 0.82
N PHE A 283 -2.63 -12.16 2.05
CA PHE A 283 -1.93 -10.92 2.37
C PHE A 283 -0.51 -11.22 2.83
N TRP A 284 0.30 -10.15 2.90
CA TRP A 284 1.61 -10.18 3.53
C TRP A 284 1.36 -9.99 5.03
N GLU A 285 0.93 -11.09 5.66
CA GLU A 285 0.50 -11.09 7.04
C GLU A 285 1.62 -11.59 7.95
N TRP A 286 1.93 -10.81 8.98
CA TRP A 286 3.06 -11.09 9.85
C TRP A 286 2.67 -10.75 11.28
N THR A 287 3.57 -10.99 12.23
CA THR A 287 3.29 -10.73 13.63
C THR A 287 4.37 -9.82 14.22
N SER A 288 3.97 -8.60 14.57
CA SER A 288 4.88 -7.71 15.27
C SER A 288 5.06 -8.19 16.70
N THR A 289 6.22 -7.89 17.26
CA THR A 289 6.58 -8.36 18.60
C THR A 289 6.25 -7.35 19.69
N GLY A 290 5.71 -6.19 19.36
CA GLY A 290 5.24 -5.29 20.39
C GLY A 290 5.40 -3.85 19.98
N TYR A 291 5.28 -2.96 20.97
CA TYR A 291 5.28 -1.53 20.64
C TYR A 291 5.79 -0.71 21.82
N ALA A 292 6.18 0.53 21.52
CA ALA A 292 6.42 1.54 22.55
C ALA A 292 5.82 2.85 22.09
N VAL A 293 5.45 3.68 23.06
CA VAL A 293 4.93 5.03 22.82
C VAL A 293 5.99 6.03 23.27
N GLY A 294 6.44 6.88 22.35
CA GLY A 294 7.49 7.84 22.68
C GLY A 294 8.70 7.17 23.29
N SER A 295 9.20 7.77 24.38
CA SER A 295 10.35 7.25 25.09
CA SER A 295 10.35 7.25 25.09
C SER A 295 9.98 6.18 26.12
N GLY A 296 8.73 5.71 26.10
CA GLY A 296 8.27 4.73 27.05
C GLY A 296 8.86 3.35 26.84
N THR A 297 8.63 2.49 27.83
CA THR A 297 9.15 1.14 27.77
C THR A 297 8.42 0.33 26.70
N PHE A 298 9.16 -0.60 26.10
CA PHE A 298 8.60 -1.46 25.07
C PHE A 298 7.73 -2.53 25.71
N LYS A 299 6.53 -2.69 25.17
CA LYS A 299 5.57 -3.69 25.60
C LYS A 299 5.66 -4.86 24.64
N SER A 300 6.09 -6.00 25.15
CA SER A 300 6.18 -7.21 24.34
C SER A 300 4.80 -7.84 24.25
N THR A 301 4.29 -7.92 23.03
CA THR A 301 2.97 -8.47 22.78
C THR A 301 2.86 -8.74 21.28
N SER A 302 2.28 -9.88 20.92
CA SER A 302 2.15 -10.24 19.53
C SER A 302 1.00 -9.49 18.89
N ILE A 303 1.28 -8.82 17.76
CA ILE A 303 0.27 -8.06 17.01
C ILE A 303 0.30 -8.58 15.58
N ASP A 304 -0.69 -9.39 15.21
CA ASP A 304 -0.81 -9.91 13.86
CA ASP A 304 -0.78 -9.90 13.85
C ASP A 304 -1.39 -8.82 12.96
N GLY A 305 -0.80 -8.61 11.79
CA GLY A 305 -1.36 -7.62 10.88
C GLY A 305 -0.77 -7.78 9.51
N ILE A 306 -1.19 -6.91 8.58
CA ILE A 306 -0.75 -7.01 7.20
C ILE A 306 0.06 -5.79 6.84
N ALA A 307 1.06 -5.99 5.99
CA ALA A 307 1.81 -4.89 5.39
C ALA A 307 1.07 -4.45 4.13
N ASP A 308 0.22 -3.38 4.26
CA ASP A 308 -0.65 -2.77 3.21
C ASP A 308 -0.29 -1.30 2.84
N THR A 309 0.43 -1.13 1.72
CA THR A 309 0.86 0.22 1.24
C THR A 309 -0.37 0.97 0.64
N GLY A 310 -1.51 0.35 0.46
CA GLY A 310 -2.74 0.97 -0.04
C GLY A 310 -3.56 1.47 1.10
N THR A 311 -3.16 1.26 2.32
CA THR A 311 -3.82 1.88 3.47
C THR A 311 -2.95 3.07 3.82
N THR A 312 -3.51 4.23 4.12
CA THR A 312 -2.73 5.41 4.45
C THR A 312 -2.18 5.26 5.84
N LEU A 313 -3.01 4.76 6.71
CA LEU A 313 -2.75 4.88 8.13
C LEU A 313 -2.31 3.55 8.76
N LEU A 314 -2.04 3.63 10.06
CA LEU A 314 -1.66 2.48 10.87
C LEU A 314 -2.84 2.12 11.75
N TYR A 315 -3.40 0.92 11.57
CA TYR A 315 -4.58 0.48 12.31
C TYR A 315 -4.18 -0.65 13.25
N LEU A 316 -4.33 -0.42 14.56
CA LEU A 316 -3.86 -1.33 15.60
C LEU A 316 -4.95 -1.56 16.63
N PRO A 317 -4.75 -2.53 17.53
CA PRO A 317 -5.80 -2.84 18.50
C PRO A 317 -6.12 -1.63 19.37
N ALA A 318 -7.37 -1.58 19.82
CA ALA A 318 -7.84 -0.42 20.58
C ALA A 318 -7.00 -0.15 21.81
N THR A 319 -6.51 -1.20 22.48
CA THR A 319 -5.68 -1.00 23.67
C THR A 319 -4.40 -0.24 23.32
N VAL A 320 -3.77 -0.62 22.22
CA VAL A 320 -2.52 0.00 21.79
C VAL A 320 -2.78 1.45 21.41
N VAL A 321 -3.83 1.69 20.63
CA VAL A 321 -4.15 3.03 20.13
C VAL A 321 -4.52 3.95 21.28
N SER A 322 -5.28 3.44 22.26
CA SER A 322 -5.62 4.24 23.43
C SER A 322 -4.35 4.64 24.19
N ALA A 323 -3.42 3.70 24.34
CA ALA A 323 -2.17 4.00 25.03
C ALA A 323 -1.37 5.08 24.32
N TYR A 324 -1.39 5.05 22.98
CA TYR A 324 -0.69 6.09 22.21
C TYR A 324 -1.32 7.46 22.45
N TRP A 325 -2.63 7.58 22.21
CA TRP A 325 -3.28 8.89 22.22
C TRP A 325 -3.41 9.45 23.62
N ALA A 326 -3.32 8.60 24.65
CA ALA A 326 -3.33 9.07 26.04
C ALA A 326 -2.12 9.95 26.33
N GLN A 327 -1.07 9.87 25.51
CA GLN A 327 0.14 10.68 25.69
C GLN A 327 0.07 12.01 24.95
N VAL A 328 -1.07 12.34 24.34
CA VAL A 328 -1.24 13.57 23.58
C VAL A 328 -2.34 14.37 24.25
N SER A 329 -1.99 15.49 24.86
CA SER A 329 -2.98 16.28 25.57
CA SER A 329 -2.98 16.29 25.58
C SER A 329 -4.06 16.76 24.63
N GLY A 330 -5.32 16.48 25.00
CA GLY A 330 -6.45 16.92 24.23
C GLY A 330 -6.89 15.95 23.16
N ALA A 331 -6.16 14.87 22.95
CA ALA A 331 -6.57 13.90 21.96
C ALA A 331 -7.78 13.12 22.43
N LYS A 332 -8.64 12.75 21.49
CA LYS A 332 -9.86 12.02 21.82
C LYS A 332 -10.32 11.28 20.59
N SER A 333 -11.09 10.22 20.83
CA SER A 333 -11.76 9.53 19.73
C SER A 333 -13.10 10.20 19.48
N SER A 334 -13.31 10.63 18.25
CA SER A 334 -14.51 11.33 17.84
C SER A 334 -15.34 10.41 16.94
N SER A 335 -16.52 10.04 17.42
CA SER A 335 -17.42 9.23 16.59
CA SER A 335 -17.42 9.23 16.59
C SER A 335 -17.87 10.01 15.36
N SER A 336 -18.07 11.31 15.49
CA SER A 336 -18.55 12.09 14.36
C SER A 336 -17.49 12.23 13.28
N VAL A 337 -16.23 12.39 13.68
CA VAL A 337 -15.16 12.49 12.68
C VAL A 337 -14.77 11.11 12.15
N GLY A 338 -14.84 10.08 12.98
CA GLY A 338 -14.48 8.74 12.56
C GLY A 338 -13.14 8.25 13.05
N GLY A 339 -12.64 8.76 14.17
CA GLY A 339 -11.40 8.29 14.73
C GLY A 339 -10.82 9.28 15.72
N TYR A 340 -9.59 9.00 16.10
CA TYR A 340 -8.87 9.87 17.01
C TYR A 340 -8.47 11.15 16.30
N VAL A 341 -8.70 12.25 17.01
CA VAL A 341 -8.29 13.58 16.58
C VAL A 341 -7.49 14.19 17.72
N PHE A 342 -6.73 15.23 17.41
CA PHE A 342 -5.88 15.84 18.41
C PHE A 342 -5.68 17.31 18.06
N PRO A 343 -5.32 18.14 19.03
CA PRO A 343 -5.11 19.55 18.72
C PRO A 343 -3.94 19.75 17.78
N CYS A 344 -4.17 20.55 16.73
CA CYS A 344 -3.11 20.77 15.76
C CYS A 344 -1.88 21.42 16.38
N SER A 345 -2.02 22.06 17.54
CA SER A 345 -0.89 22.66 18.24
C SER A 345 -0.03 21.62 18.99
N ALA A 346 -0.42 20.36 19.01
CA ALA A 346 0.33 19.39 19.79
C ALA A 346 1.56 18.91 19.02
N THR A 347 2.59 18.50 19.78
CA THR A 347 3.73 17.78 19.25
C THR A 347 3.50 16.30 19.57
N LEU A 348 3.51 15.46 18.55
CA LEU A 348 3.14 14.06 18.75
C LEU A 348 4.37 13.23 19.15
N PRO A 349 4.18 12.24 20.01
CA PRO A 349 5.27 11.30 20.32
C PRO A 349 5.45 10.31 19.18
N SER A 350 6.65 9.75 19.12
CA SER A 350 6.91 8.68 18.18
C SER A 350 6.15 7.43 18.59
N PHE A 351 6.12 6.46 17.67
CA PHE A 351 5.55 5.14 17.95
C PHE A 351 6.51 4.12 17.41
N THR A 352 6.89 3.16 18.25
CA THR A 352 7.83 2.10 17.86
C THR A 352 7.08 0.79 17.73
N PHE A 353 7.36 0.05 16.65
CA PHE A 353 6.85 -1.31 16.53
C PHE A 353 8.00 -2.31 16.43
N GLY A 354 7.79 -3.50 16.97
CA GLY A 354 8.80 -4.53 16.97
C GLY A 354 8.73 -5.43 15.74
N VAL A 355 9.90 -5.77 15.22
CA VAL A 355 10.06 -6.76 14.16
C VAL A 355 11.11 -7.73 14.73
N GLY A 356 10.67 -8.89 15.20
CA GLY A 356 11.56 -9.74 15.98
C GLY A 356 12.17 -8.93 17.11
N SER A 357 13.50 -9.03 17.26
CA SER A 357 14.18 -8.25 18.28
CA SER A 357 14.21 -8.26 18.27
C SER A 357 14.50 -6.82 17.83
N ALA A 358 14.21 -6.48 16.58
CA ALA A 358 14.48 -5.15 16.05
C ALA A 358 13.29 -4.23 16.30
N ARG A 359 13.54 -2.93 16.10
CA ARG A 359 12.55 -1.90 16.39
C ARG A 359 12.55 -0.89 15.26
N ILE A 360 11.36 -0.55 14.79
CA ILE A 360 11.17 0.51 13.78
C ILE A 360 10.48 1.66 14.49
N VAL A 361 11.06 2.84 14.40
CA VAL A 361 10.53 4.04 15.04
C VAL A 361 9.83 4.93 14.02
N ILE A 362 8.53 5.15 14.23
CA ILE A 362 7.75 6.08 13.43
C ILE A 362 7.84 7.43 14.12
N PRO A 363 8.48 8.44 13.52
CA PRO A 363 8.51 9.75 14.17
C PRO A 363 7.10 10.32 14.37
N GLY A 364 6.97 11.13 15.41
CA GLY A 364 5.67 11.71 15.70
C GLY A 364 5.08 12.48 14.53
N ASP A 365 5.91 13.19 13.76
N ASP A 365 5.92 13.21 13.77
CA ASP A 365 5.36 14.01 12.69
CA ASP A 365 5.40 14.00 12.67
C ASP A 365 4.74 13.17 11.58
C ASP A 365 4.64 13.12 11.68
N TYR A 366 5.09 11.88 11.50
CA TYR A 366 4.47 11.01 10.50
C TYR A 366 3.02 10.69 10.85
N ILE A 367 2.64 10.88 12.13
CA ILE A 367 1.33 10.54 12.63
C ILE A 367 0.35 11.70 12.50
N ASP A 368 0.79 12.86 12.04
CA ASP A 368 -0.06 14.04 11.87
C ASP A 368 -0.66 14.05 10.45
N PHE A 369 -1.98 13.86 10.35
CA PHE A 369 -2.67 13.93 9.07
C PHE A 369 -3.45 15.21 8.87
N GLY A 370 -3.15 16.24 9.65
CA GLY A 370 -3.60 17.57 9.37
C GLY A 370 -5.04 17.83 9.74
N PRO A 371 -5.47 19.06 9.49
CA PRO A 371 -6.82 19.47 9.89
C PRO A 371 -7.89 18.57 9.32
N ILE A 372 -8.90 18.29 10.15
CA ILE A 372 -10.01 17.42 9.72
C ILE A 372 -10.78 18.05 8.57
N SER A 373 -10.81 19.38 8.52
CA SER A 373 -11.38 20.16 7.44
C SER A 373 -10.56 21.43 7.35
N THR A 374 -10.58 22.05 6.17
CA THR A 374 -9.72 23.22 5.96
C THR A 374 -9.96 24.27 7.04
N GLY A 375 -8.86 24.73 7.65
CA GLY A 375 -8.92 25.77 8.66
C GLY A 375 -9.19 25.28 10.06
N SER A 376 -9.53 24.01 10.25
CA SER A 376 -9.81 23.49 11.58
C SER A 376 -8.52 23.38 12.39
N SER A 377 -8.63 23.58 13.71
CA SER A 377 -7.52 23.30 14.62
C SER A 377 -7.59 21.91 15.22
N SER A 378 -8.52 21.06 14.76
CA SER A 378 -8.53 19.65 15.12
CA SER A 378 -8.53 19.65 15.12
C SER A 378 -7.89 18.89 13.97
N CYS A 379 -6.91 18.04 14.31
CA CYS A 379 -6.11 17.31 13.35
C CYS A 379 -6.42 15.82 13.45
N PHE A 380 -6.31 15.13 12.32
CA PHE A 380 -6.65 13.72 12.27
C PHE A 380 -5.41 12.87 12.54
N GLY A 381 -5.55 11.87 13.41
CA GLY A 381 -4.41 11.05 13.79
C GLY A 381 -4.10 9.96 12.77
N GLY A 382 -2.81 9.64 12.66
CA GLY A 382 -2.36 8.61 11.75
C GLY A 382 -2.31 7.23 12.32
N ILE A 383 -2.62 7.06 13.60
CA ILE A 383 -2.76 5.77 14.27
C ILE A 383 -4.21 5.68 14.70
N GLN A 384 -4.90 4.61 14.29
CA GLN A 384 -6.33 4.49 14.51
C GLN A 384 -6.61 3.06 14.93
N SER A 385 -7.78 2.87 15.52
CA SER A 385 -8.16 1.55 15.99
C SER A 385 -8.58 0.65 14.82
N SER A 386 -8.15 -0.61 14.87
CA SER A 386 -8.59 -1.64 13.94
C SER A 386 -9.84 -2.38 14.41
N ALA A 387 -10.41 -1.99 15.54
N ALA A 387 -10.41 -1.98 15.54
CA ALA A 387 -11.62 -2.64 16.01
CA ALA A 387 -11.46 -2.78 16.17
C ALA A 387 -12.74 -2.44 15.01
C ALA A 387 -12.62 -3.06 15.22
N GLY A 388 -13.33 -3.56 14.57
N GLY A 388 -12.92 -2.14 14.30
CA GLY A 388 -14.36 -3.54 13.57
CA GLY A 388 -14.00 -2.31 13.37
C GLY A 388 -13.85 -3.73 12.16
C GLY A 388 -13.61 -2.90 12.04
N ILE A 389 -12.56 -3.50 11.92
N ILE A 389 -12.34 -3.26 11.86
CA ILE A 389 -11.96 -3.80 10.62
CA ILE A 389 -11.84 -3.80 10.60
C ILE A 389 -11.64 -5.29 10.52
C ILE A 389 -11.84 -5.32 10.58
N GLY A 390 -11.37 -5.93 11.66
CA GLY A 390 -11.14 -7.36 11.69
C GLY A 390 -9.71 -7.77 11.48
N ILE A 391 -8.82 -6.83 11.17
CA ILE A 391 -7.41 -7.11 10.98
C ILE A 391 -6.64 -5.85 11.32
N ASN A 392 -5.42 -6.02 11.83
CA ASN A 392 -4.52 -4.88 12.01
C ASN A 392 -3.80 -4.60 10.70
N ILE A 393 -3.54 -3.33 10.43
CA ILE A 393 -3.01 -2.92 9.13
C ILE A 393 -1.82 -2.00 9.32
N PHE A 394 -0.64 -2.48 8.95
CA PHE A 394 0.58 -1.68 8.87
C PHE A 394 0.58 -1.00 7.50
N GLY A 395 -0.11 0.15 7.44
CA GLY A 395 -0.21 0.95 6.25
C GLY A 395 0.97 1.90 6.10
N ASP A 396 0.83 2.83 5.15
CA ASP A 396 1.88 3.78 4.74
C ASP A 396 2.52 4.45 5.96
N VAL A 397 1.80 4.89 6.99
CA VAL A 397 2.36 5.53 8.20
C VAL A 397 3.49 4.69 8.79
N ALA A 398 3.29 3.39 8.88
CA ALA A 398 4.31 2.49 9.41
C ALA A 398 5.36 2.17 8.37
N LEU A 399 4.93 1.82 7.16
CA LEU A 399 5.87 1.31 6.19
C LEU A 399 6.87 2.38 5.74
N LYS A 400 6.44 3.65 5.70
CA LYS A 400 7.35 4.71 5.24
CA LYS A 400 7.37 4.67 5.21
C LYS A 400 8.47 4.98 6.22
N ALA A 401 8.37 4.49 7.45
CA ALA A 401 9.45 4.57 8.41
C ALA A 401 10.51 3.50 8.20
N ALA A 402 10.33 2.60 7.24
CA ALA A 402 11.23 1.47 7.08
C ALA A 402 11.56 1.28 5.60
N PHE A 403 12.63 0.54 5.38
CA PHE A 403 12.89 -0.11 4.11
C PHE A 403 12.32 -1.53 4.22
N VAL A 404 11.40 -1.88 3.34
CA VAL A 404 10.59 -3.09 3.52
C VAL A 404 10.84 -4.04 2.37
N VAL A 405 11.22 -5.26 2.70
CA VAL A 405 11.47 -6.30 1.71
C VAL A 405 10.30 -7.27 1.69
N PHE A 406 9.69 -7.42 0.52
CA PHE A 406 8.64 -8.40 0.28
C PHE A 406 9.32 -9.57 -0.45
N ASN A 407 9.64 -10.61 0.31
CA ASN A 407 10.42 -11.72 -0.20
C ASN A 407 9.45 -12.80 -0.67
N GLY A 408 9.35 -12.99 -1.99
CA GLY A 408 8.45 -13.93 -2.60
C GLY A 408 9.06 -15.27 -2.92
N ALA A 409 10.03 -15.70 -2.12
CA ALA A 409 10.54 -17.04 -2.20
C ALA A 409 9.43 -18.06 -1.93
N THR A 410 9.77 -19.34 -2.14
CA THR A 410 8.77 -20.40 -1.98
C THR A 410 8.06 -20.32 -0.64
N THR A 411 8.81 -19.99 0.42
CA THR A 411 8.21 -19.62 1.70
C THR A 411 8.41 -18.12 1.84
N PRO A 412 7.39 -17.30 1.62
CA PRO A 412 7.60 -15.85 1.68
C PRO A 412 7.94 -15.37 3.08
N THR A 413 8.68 -14.26 3.13
CA THR A 413 8.97 -13.57 4.38
C THR A 413 8.94 -12.08 4.12
N LEU A 414 8.88 -11.31 5.20
N LEU A 414 9.04 -11.31 5.20
CA LEU A 414 8.99 -9.85 5.16
CA LEU A 414 8.96 -9.86 5.18
C LEU A 414 10.26 -9.43 5.86
C LEU A 414 10.14 -9.31 5.96
N GLY A 415 10.89 -8.39 5.36
CA GLY A 415 12.07 -7.81 5.99
C GLY A 415 11.85 -6.34 6.25
N PHE A 416 12.32 -5.87 7.40
CA PHE A 416 12.25 -4.46 7.75
C PHE A 416 13.62 -3.98 8.19
N ALA A 417 14.04 -2.82 7.68
CA ALA A 417 15.22 -2.12 8.15
C ALA A 417 14.87 -0.66 8.42
N SER A 418 15.58 -0.06 9.36
CA SER A 418 15.52 1.39 9.51
C SER A 418 16.23 2.05 8.33
N LYS A 419 15.99 3.34 8.16
CA LYS A 419 16.62 4.05 7.04
C LYS A 419 16.82 5.52 7.36
C4 R8A B . -7.52 -0.27 -2.39
C5 R8A B . -7.33 -0.32 1.84
N1 R8A B . -5.39 -1.49 0.09
O R8A B . -8.55 0.05 2.44
C2 R8A B . -7.44 -0.31 0.34
C1 R8A B . -8.48 0.32 -0.31
C3 R8A B . -6.45 -0.93 -0.46
N R8A B . -6.51 -0.89 -1.78
C R8A B . -8.53 0.34 -1.70
#